data_7Y02
#
_entry.id   7Y02
#
_cell.length_a   67.688
_cell.length_b   67.688
_cell.length_c   141.205
_cell.angle_alpha   90.000
_cell.angle_beta   90.000
_cell.angle_gamma   90.000
#
_symmetry.space_group_name_H-M   'P 41 21 2'
#
loop_
_entity.id
_entity.type
_entity.pdbx_description
1 polymer 'Ricin A chain'
2 non-polymer '(2S)-2-[(2-azanyl-4-oxidanylidene-3H-pteridin-7-yl)carbonylamino]-3-(4-fluorophenyl)propanoic acid'
3 non-polymer 'SULFATE ION'
4 water water
#
_entity_poly.entity_id   1
_entity_poly.type   'polypeptide(L)'
_entity_poly.pdbx_seq_one_letter_code
;MHHHHHHIFPKQYPIINFTTAGATVQSYTNFIRAVRGRLTTGADVRHEIPVLPNRVGLPINQRFILVELSNHAELSVTLA
LDVTNAYVVGYRAGNSAYFFHPDNQEDAEAITHLFTDVQNRYTFAFGGNYDRLEQLAGNLRENIELGNGPLEEAISALYY
YSTGGTQLPTLARSFIICIQMISEAARFQYIEGEMRTRIRYNRRSAPDPSVITLENSWGRLSTAIQESNQGAFASPIQLQ
RRNGSKFSVYDVSILIPIIALMVYRCAPPPSSQF
;
_entity_poly.pdbx_strand_id   A
#
loop_
_chem_comp.id
_chem_comp.type
_chem_comp.name
_chem_comp.formula
IEZ non-polymer '(2S)-2-[(2-azanyl-4-oxidanylidene-3H-pteridin-7-yl)carbonylamino]-3-(4-fluorophenyl)propanoic acid' 'C16 H13 F N6 O4'
SO4 non-polymer 'SULFATE ION' 'O4 S -2'
#
# COMPACT_ATOMS: atom_id res chain seq x y z
N GLN A 12 1.29 4.98 20.79
CA GLN A 12 2.74 4.82 20.45
C GLN A 12 2.99 5.06 18.96
N TYR A 13 2.44 4.18 18.12
CA TYR A 13 2.62 4.29 16.67
C TYR A 13 1.89 5.50 16.10
N PRO A 14 2.53 6.21 15.14
CA PRO A 14 1.92 7.38 14.50
C PRO A 14 0.61 7.05 13.80
N ILE A 15 -0.32 8.00 13.83
CA ILE A 15 -1.64 7.85 13.21
C ILE A 15 -1.80 8.93 12.14
N ILE A 16 -2.20 8.51 10.94
CA ILE A 16 -2.59 9.43 9.87
C ILE A 16 -4.09 9.23 9.61
N ASN A 17 -4.81 10.33 9.59
CA ASN A 17 -6.26 10.32 9.36
C ASN A 17 -6.63 10.70 7.94
N PHE A 18 -7.59 9.99 7.37
CA PHE A 18 -8.19 10.34 6.09
C PHE A 18 -9.67 10.01 6.12
N THR A 19 -10.47 10.87 5.51
CA THR A 19 -11.89 10.59 5.31
C THR A 19 -12.31 10.67 3.84
N THR A 20 -13.15 9.73 3.44
CA THR A 20 -13.74 9.73 2.10
C THR A 20 -14.88 10.76 2.02
N ALA A 21 -15.39 11.17 3.19
CA ALA A 21 -16.45 12.16 3.29
C ALA A 21 -15.95 13.51 2.76
N GLY A 22 -16.51 13.94 1.64
CA GLY A 22 -16.11 15.18 0.96
C GLY A 22 -14.65 15.22 0.52
N ALA A 23 -14.07 14.04 0.24
CA ALA A 23 -12.68 13.97 -0.20
C ALA A 23 -12.49 14.73 -1.50
N THR A 24 -11.35 15.42 -1.58
CA THR A 24 -10.94 16.16 -2.76
C THR A 24 -9.54 15.70 -3.17
N VAL A 25 -9.12 16.12 -4.36
CA VAL A 25 -7.75 15.86 -4.83
C VAL A 25 -6.75 16.33 -3.77
N GLN A 26 -6.93 17.56 -3.27
CA GLN A 26 -6.03 18.11 -2.26
C GLN A 26 -6.00 17.31 -0.95
N SER A 27 -7.16 16.92 -0.43
CA SER A 27 -7.18 16.19 0.85
C SER A 27 -6.54 14.80 0.71
N TYR A 28 -6.77 14.16 -0.43
CA TYR A 28 -6.13 12.87 -0.71
C TYR A 28 -4.61 13.02 -0.88
N THR A 29 -4.20 14.07 -1.59
CA THR A 29 -2.79 14.38 -1.79
C THR A 29 -2.09 14.61 -0.45
N ASN A 30 -2.71 15.40 0.43
CA ASN A 30 -2.17 15.64 1.78
C ASN A 30 -2.00 14.33 2.55
N PHE A 31 -3.00 13.45 2.43
CA PHE A 31 -3.02 12.16 3.09
C PHE A 31 -1.86 11.27 2.64
N ILE A 32 -1.72 11.08 1.32
CA ILE A 32 -0.65 10.25 0.77
C ILE A 32 0.74 10.80 1.12
N ARG A 33 0.91 12.14 1.03
CA ARG A 33 2.14 12.80 1.46
C ARG A 33 2.48 12.50 2.93
N ALA A 34 1.46 12.60 3.79
CA ALA A 34 1.62 12.31 5.23
C ALA A 34 2.01 10.85 5.49
N VAL A 35 1.37 9.93 4.75
CA VAL A 35 1.70 8.50 4.85
C VAL A 35 3.18 8.26 4.49
N ARG A 36 3.60 8.81 3.34
CA ARG A 36 4.99 8.67 2.90
C ARG A 36 5.98 9.23 3.94
N GLY A 37 5.59 10.36 4.54
CA GLY A 37 6.40 11.03 5.57
C GLY A 37 6.61 10.18 6.80
N ARG A 38 5.61 9.36 7.14
CA ARG A 38 5.69 8.46 8.30
C ARG A 38 6.30 7.10 7.96
N LEU A 39 6.32 6.75 6.68
CA LEU A 39 6.93 5.51 6.21
C LEU A 39 8.45 5.62 6.08
N THR A 40 8.92 6.72 5.50
CA THR A 40 10.35 6.94 5.24
C THR A 40 10.96 7.90 6.26
N THR A 41 12.23 7.67 6.59
CA THR A 41 12.95 8.45 7.60
C THR A 41 13.79 9.58 6.99
N GLY A 42 14.09 9.47 5.69
CA GLY A 42 15.01 10.39 5.01
C GLY A 42 16.46 9.92 5.03
N ALA A 43 16.72 8.81 5.73
CA ALA A 43 18.06 8.24 5.86
C ALA A 43 18.61 7.65 4.55
N ASP A 44 17.70 7.20 3.69
CA ASP A 44 18.06 6.39 2.53
C ASP A 44 17.36 6.90 1.28
N VAL A 45 18.11 7.59 0.42
CA VAL A 45 17.59 8.12 -0.85
C VAL A 45 18.58 7.76 -1.94
N ARG A 46 18.11 7.03 -2.95
CA ARG A 46 18.98 6.55 -4.02
C ARG A 46 18.41 6.90 -5.38
N HIS A 47 19.22 7.59 -6.18
CA HIS A 47 18.81 8.16 -7.48
C HIS A 47 17.53 8.99 -7.34
N GLU A 48 17.48 9.78 -6.26
CA GLU A 48 16.36 10.68 -5.91
C GLU A 48 15.11 9.95 -5.39
N ILE A 49 15.19 8.63 -5.25
CA ILE A 49 14.06 7.82 -4.79
C ILE A 49 14.30 7.30 -3.36
N PRO A 50 13.41 7.68 -2.41
CA PRO A 50 13.53 7.21 -1.04
C PRO A 50 13.36 5.70 -0.89
N VAL A 51 14.10 5.13 0.06
CA VAL A 51 14.01 3.71 0.37
C VAL A 51 13.42 3.59 1.77
N LEU A 52 12.50 2.64 1.94
CA LEU A 52 11.90 2.33 3.24
C LEU A 52 12.94 1.74 4.21
N PRO A 53 12.68 1.86 5.54
CA PRO A 53 13.60 1.30 6.54
C PRO A 53 13.91 -0.17 6.30
N ASN A 54 15.18 -0.53 6.48
CA ASN A 54 15.61 -1.93 6.50
C ASN A 54 14.98 -2.63 7.71
N ARG A 55 14.36 -3.78 7.46
CA ARG A 55 13.79 -4.60 8.55
C ARG A 55 14.84 -5.11 9.53
N VAL A 56 16.07 -5.32 9.04
CA VAL A 56 17.17 -5.85 9.87
C VAL A 56 17.59 -4.82 10.91
N GLY A 57 17.39 -5.19 12.18
CA GLY A 57 17.71 -4.34 13.33
C GLY A 57 16.75 -3.19 13.60
N LEU A 58 15.61 -3.17 12.91
CA LEU A 58 14.61 -2.12 13.13
C LEU A 58 13.84 -2.38 14.43
N PRO A 59 13.91 -1.44 15.39
CA PRO A 59 13.22 -1.63 16.67
C PRO A 59 11.71 -1.69 16.51
N ILE A 60 11.07 -2.53 17.32
CA ILE A 60 9.62 -2.77 17.25
C ILE A 60 8.77 -1.51 17.45
N ASN A 61 9.26 -0.56 18.26
CA ASN A 61 8.57 0.71 18.49
C ASN A 61 8.51 1.64 17.26
N GLN A 62 9.22 1.25 16.21
CA GLN A 62 9.29 2.02 14.96
C GLN A 62 8.75 1.23 13.76
N ARG A 63 8.14 0.07 14.02
CA ARG A 63 7.80 -0.88 12.96
C ARG A 63 6.51 -0.59 12.18
N PHE A 64 5.57 0.10 12.82
CA PHE A 64 4.25 0.30 12.23
C PHE A 64 3.79 1.74 12.20
N ILE A 65 2.91 2.04 11.24
CA ILE A 65 2.08 3.24 11.24
C ILE A 65 0.61 2.85 11.18
N LEU A 66 -0.24 3.74 11.65
CA LEU A 66 -1.68 3.52 11.68
C LEU A 66 -2.36 4.51 10.75
N VAL A 67 -3.29 3.99 9.96
CA VAL A 67 -4.06 4.79 9.02
C VAL A 67 -5.52 4.68 9.43
N GLU A 68 -6.05 5.77 10.00
CA GLU A 68 -7.43 5.79 10.44
C GLU A 68 -8.32 6.34 9.32
N LEU A 69 -9.17 5.47 8.79
CA LEU A 69 -10.05 5.80 7.70
C LEU A 69 -11.46 6.04 8.22
N SER A 70 -12.00 7.20 7.89
CA SER A 70 -13.40 7.53 8.21
C SER A 70 -14.18 7.70 6.93
N ASN A 71 -15.50 7.57 7.02
CA ASN A 71 -16.34 7.76 5.85
C ASN A 71 -17.58 8.62 6.11
N HIS A 72 -18.35 8.90 5.06
CA HIS A 72 -19.57 9.70 5.17
C HIS A 72 -20.64 9.05 6.05
N ALA A 73 -20.60 7.72 6.11
CA ALA A 73 -21.49 6.92 6.98
C ALA A 73 -21.17 7.02 8.48
N GLU A 74 -20.20 7.88 8.82
CA GLU A 74 -19.72 8.10 10.21
C GLU A 74 -19.12 6.87 10.87
N LEU A 75 -18.46 6.06 10.06
CA LEU A 75 -17.78 4.87 10.53
C LEU A 75 -16.28 5.06 10.38
N SER A 76 -15.53 4.38 11.24
CA SER A 76 -14.07 4.43 11.22
CA SER A 76 -14.08 4.42 11.20
C SER A 76 -13.46 3.04 11.33
N VAL A 77 -12.37 2.82 10.58
CA VAL A 77 -11.51 1.64 10.72
C VAL A 77 -10.06 2.12 10.76
N THR A 78 -9.19 1.35 11.42
CA THR A 78 -7.78 1.70 11.47
C THR A 78 -6.95 0.59 10.86
N LEU A 79 -6.25 0.90 9.77
CA LEU A 79 -5.33 -0.03 9.14
C LEU A 79 -3.95 0.10 9.78
N ALA A 80 -3.26 -1.03 9.92
CA ALA A 80 -1.87 -1.05 10.37
C ALA A 80 -0.97 -1.40 9.20
N LEU A 81 0.03 -0.55 8.97
CA LEU A 81 1.00 -0.73 7.88
C LEU A 81 2.39 -0.94 8.44
N ASP A 82 3.08 -1.93 7.89
CA ASP A 82 4.48 -2.22 8.19
C ASP A 82 5.33 -1.21 7.44
N VAL A 83 6.18 -0.48 8.16
CA VAL A 83 6.98 0.61 7.56
C VAL A 83 8.05 0.13 6.57
N THR A 84 8.45 -1.14 6.68
CA THR A 84 9.50 -1.69 5.83
C THR A 84 9.02 -1.94 4.40
N ASN A 85 7.71 -2.05 4.22
CA ASN A 85 7.18 -2.41 2.89
C ASN A 85 5.81 -1.81 2.57
N ALA A 86 5.28 -1.00 3.49
CA ALA A 86 3.92 -0.41 3.41
C ALA A 86 2.79 -1.45 3.40
N TYR A 87 3.10 -2.69 3.79
CA TYR A 87 2.14 -3.80 3.77
C TYR A 87 1.06 -3.60 4.82
N VAL A 88 -0.20 -3.77 4.42
CA VAL A 88 -1.34 -3.69 5.34
C VAL A 88 -1.43 -5.04 6.05
N VAL A 89 -1.10 -5.04 7.33
CA VAL A 89 -1.00 -6.29 8.10
C VAL A 89 -2.31 -6.68 8.78
N GLY A 90 -3.20 -5.71 8.92
CA GLY A 90 -4.48 -5.94 9.59
C GLY A 90 -5.22 -4.65 9.86
N TYR A 91 -6.34 -4.76 10.58
CA TYR A 91 -7.15 -3.59 10.89
C TYR A 91 -7.91 -3.72 12.20
N ARG A 92 -8.32 -2.57 12.74
CA ARG A 92 -9.19 -2.48 13.90
C ARG A 92 -10.51 -1.82 13.52
N ALA A 93 -11.61 -2.42 13.95
CA ALA A 93 -12.92 -1.77 13.89
C ALA A 93 -13.57 -1.95 15.25
N GLY A 94 -13.64 -0.84 16.00
CA GLY A 94 -14.22 -0.82 17.35
C GLY A 94 -13.54 -1.80 18.29
N ASN A 95 -14.32 -2.78 18.73
CA ASN A 95 -13.90 -3.78 19.73
C ASN A 95 -13.13 -4.99 19.19
N SER A 96 -12.95 -5.05 17.88
CA SER A 96 -12.30 -6.18 17.22
C SER A 96 -11.14 -5.75 16.32
N ALA A 97 -10.08 -6.56 16.33
CA ALA A 97 -8.95 -6.42 15.40
C ALA A 97 -8.71 -7.70 14.63
N TYR A 98 -8.34 -7.55 13.36
CA TYR A 98 -8.14 -8.67 12.46
C TYR A 98 -6.79 -8.54 11.77
N PHE A 99 -6.02 -9.62 11.77
CA PHE A 99 -4.71 -9.64 11.11
C PHE A 99 -4.64 -10.76 10.08
N PHE A 100 -4.00 -10.48 8.96
CA PHE A 100 -3.69 -11.50 7.96
C PHE A 100 -2.72 -12.54 8.55
N HIS A 101 -2.81 -13.77 8.04
CA HIS A 101 -1.88 -14.83 8.43
C HIS A 101 -0.45 -14.37 8.13
N PRO A 102 0.38 -14.23 9.17
CA PRO A 102 1.74 -13.71 8.94
C PRO A 102 2.60 -14.66 8.10
N ASP A 103 3.44 -14.05 7.26
CA ASP A 103 4.30 -14.76 6.33
C ASP A 103 5.50 -15.43 6.99
N ASN A 104 5.89 -14.94 8.17
CA ASN A 104 7.01 -15.48 8.95
C ASN A 104 6.87 -15.24 10.46
N GLN A 105 7.76 -15.86 11.25
CA GLN A 105 7.76 -15.75 12.71
C GLN A 105 7.99 -14.33 13.23
N GLU A 106 8.89 -13.58 12.58
CA GLU A 106 9.16 -12.18 12.92
C GLU A 106 7.90 -11.32 12.78
N ASP A 107 7.20 -11.47 11.66
CA ASP A 107 5.99 -10.68 11.40
C ASP A 107 4.82 -11.08 12.30
N ALA A 108 4.78 -12.36 12.69
CA ALA A 108 3.81 -12.87 13.67
C ALA A 108 4.04 -12.28 15.06
N GLU A 109 5.30 -12.19 15.48
CA GLU A 109 5.64 -11.54 16.75
C GLU A 109 5.28 -10.05 16.71
N ALA A 110 5.63 -9.40 15.59
CA ALA A 110 5.44 -7.97 15.41
C ALA A 110 3.98 -7.51 15.59
N ILE A 111 3.03 -8.28 15.05
CA ILE A 111 1.60 -7.92 15.13
C ILE A 111 1.00 -8.01 16.55
N THR A 112 1.68 -8.74 17.44
CA THR A 112 1.28 -8.78 18.86
C THR A 112 1.45 -7.42 19.56
N HIS A 113 2.21 -6.52 18.92
CA HIS A 113 2.42 -5.16 19.42
C HIS A 113 1.37 -4.14 18.92
N LEU A 114 0.43 -4.63 18.11
CA LEU A 114 -0.62 -3.79 17.52
C LEU A 114 -1.98 -3.99 18.18
N PHE A 115 -2.70 -2.87 18.33
CA PHE A 115 -4.05 -2.84 18.91
C PHE A 115 -4.15 -3.67 20.19
N THR A 116 -3.22 -3.43 21.11
CA THR A 116 -3.05 -4.28 22.32
C THR A 116 -4.22 -4.18 23.31
N ASP A 117 -4.91 -3.05 23.31
CA ASP A 117 -6.04 -2.81 24.22
C ASP A 117 -7.41 -3.18 23.64
N VAL A 118 -7.41 -3.78 22.46
CA VAL A 118 -8.64 -4.25 21.80
C VAL A 118 -9.15 -5.53 22.47
N GLN A 119 -10.47 -5.63 22.63
CA GLN A 119 -11.12 -6.74 23.34
C GLN A 119 -11.01 -8.08 22.60
N ASN A 120 -11.18 -8.05 21.28
CA ASN A 120 -11.17 -9.27 20.46
C ASN A 120 -10.09 -9.23 19.39
N ARG A 121 -9.17 -10.19 19.44
CA ARG A 121 -8.06 -10.30 18.49
C ARG A 121 -8.23 -11.56 17.64
N TYR A 122 -8.23 -11.36 16.32
CA TYR A 122 -8.32 -12.49 15.41
C TYR A 122 -7.19 -12.46 14.40
N THR A 123 -6.63 -13.63 14.10
CA THR A 123 -5.74 -13.79 12.98
C THR A 123 -6.46 -14.65 11.95
N PHE A 124 -6.66 -14.08 10.77
CA PHE A 124 -7.18 -14.81 9.62
C PHE A 124 -6.30 -16.01 9.30
N ALA A 125 -6.93 -17.08 8.80
CA ALA A 125 -6.21 -18.26 8.37
C ALA A 125 -5.58 -18.10 6.98
N PHE A 126 -5.90 -16.99 6.32
CA PHE A 126 -5.37 -16.67 4.99
C PHE A 126 -4.39 -15.49 5.04
N GLY A 127 -3.40 -15.52 4.16
CA GLY A 127 -2.46 -14.41 3.99
C GLY A 127 -3.10 -13.26 3.25
N GLY A 128 -2.43 -12.11 3.27
CA GLY A 128 -2.99 -10.88 2.69
C GLY A 128 -2.49 -10.43 1.33
N ASN A 129 -1.74 -11.27 0.62
CA ASN A 129 -1.30 -10.93 -0.75
C ASN A 129 -2.47 -10.88 -1.72
N TYR A 130 -2.30 -10.16 -2.83
CA TYR A 130 -3.35 -10.00 -3.85
C TYR A 130 -3.89 -11.34 -4.34
N ASP A 131 -3.00 -12.30 -4.62
CA ASP A 131 -3.41 -13.62 -5.13
C ASP A 131 -4.47 -14.30 -4.25
N ARG A 132 -4.19 -14.35 -2.95
CA ARG A 132 -5.13 -14.91 -1.98
C ARG A 132 -6.41 -14.09 -1.86
N LEU A 133 -6.27 -12.76 -1.85
CA LEU A 133 -7.43 -11.88 -1.71
C LEU A 133 -8.34 -11.92 -2.94
N GLU A 134 -7.74 -12.04 -4.12
CA GLU A 134 -8.49 -12.16 -5.39
C GLU A 134 -9.27 -13.46 -5.45
N GLN A 135 -8.64 -14.54 -4.97
CA GLN A 135 -9.29 -15.85 -4.86
C GLN A 135 -10.55 -15.76 -4.00
N LEU A 136 -10.42 -15.14 -2.82
CA LEU A 136 -11.54 -14.97 -1.89
C LEU A 136 -12.62 -14.02 -2.40
N ALA A 137 -12.20 -12.93 -3.05
CA ALA A 137 -13.11 -11.96 -3.65
C ALA A 137 -13.90 -12.52 -4.83
N GLY A 138 -13.33 -13.52 -5.51
CA GLY A 138 -13.90 -14.06 -6.74
C GLY A 138 -13.75 -13.10 -7.91
N ASN A 139 -12.82 -12.15 -7.78
CA ASN A 139 -12.51 -11.18 -8.81
C ASN A 139 -11.06 -10.77 -8.75
N LEU A 140 -10.48 -10.52 -9.91
CA LEU A 140 -9.11 -10.00 -10.02
C LEU A 140 -9.10 -8.48 -9.84
N ARG A 141 -7.93 -7.93 -9.52
CA ARG A 141 -7.77 -6.48 -9.43
C ARG A 141 -8.28 -5.75 -10.68
N GLU A 142 -8.01 -6.30 -11.86
CA GLU A 142 -8.45 -5.69 -13.13
C GLU A 142 -9.98 -5.50 -13.27
N ASN A 143 -10.75 -6.15 -12.41
CA ASN A 143 -12.22 -6.05 -12.41
C ASN A 143 -12.83 -5.43 -11.16
N ILE A 144 -11.98 -4.92 -10.26
CA ILE A 144 -12.44 -4.28 -9.02
C ILE A 144 -12.29 -2.77 -9.14
N GLU A 145 -13.41 -2.07 -9.07
CA GLU A 145 -13.42 -0.62 -9.26
C GLU A 145 -12.78 0.09 -8.07
N LEU A 146 -12.00 1.12 -8.38
CA LEU A 146 -11.32 1.97 -7.40
C LEU A 146 -11.82 3.39 -7.53
N GLY A 147 -11.67 4.16 -6.45
CA GLY A 147 -12.12 5.54 -6.39
C GLY A 147 -12.68 5.86 -5.02
N ASN A 148 -13.18 7.07 -4.85
CA ASN A 148 -13.68 7.49 -3.55
C ASN A 148 -14.91 6.71 -3.08
N GLY A 149 -15.81 6.42 -4.02
CA GLY A 149 -16.99 5.59 -3.77
C GLY A 149 -16.63 4.20 -3.31
N PRO A 150 -15.80 3.46 -4.08
CA PRO A 150 -15.32 2.17 -3.60
C PRO A 150 -14.67 2.20 -2.22
N LEU A 151 -13.88 3.24 -1.93
CA LEU A 151 -13.21 3.35 -0.64
C LEU A 151 -14.20 3.61 0.51
N GLU A 152 -15.14 4.51 0.27
CA GLU A 152 -16.26 4.77 1.19
C GLU A 152 -16.96 3.46 1.58
N GLU A 153 -17.27 2.66 0.56
CA GLU A 153 -17.97 1.39 0.72
C GLU A 153 -17.09 0.34 1.41
N ALA A 154 -15.80 0.37 1.09
CA ALA A 154 -14.84 -0.55 1.70
C ALA A 154 -14.70 -0.33 3.20
N ILE A 155 -14.71 0.93 3.63
CA ILE A 155 -14.60 1.29 5.05
C ILE A 155 -15.80 0.72 5.81
N SER A 156 -17.01 0.94 5.28
CA SER A 156 -18.24 0.36 5.86
C SER A 156 -18.18 -1.17 5.93
N ALA A 157 -17.70 -1.81 4.86
CA ALA A 157 -17.61 -3.26 4.78
C ALA A 157 -16.65 -3.85 5.83
N LEU A 158 -15.49 -3.21 5.99
CA LEU A 158 -14.53 -3.61 7.04
C LEU A 158 -15.12 -3.40 8.43
N TYR A 159 -15.82 -2.28 8.62
CA TYR A 159 -16.46 -1.97 9.90
C TYR A 159 -17.47 -3.04 10.32
N TYR A 160 -18.31 -3.48 9.39
CA TYR A 160 -19.40 -4.42 9.72
C TYR A 160 -19.05 -5.91 9.70
N TYR A 161 -17.79 -6.26 9.43
CA TYR A 161 -17.38 -7.66 9.31
C TYR A 161 -17.65 -8.51 10.56
N SER A 162 -17.33 -7.97 11.74
CA SER A 162 -17.42 -8.69 13.00
C SER A 162 -18.84 -9.08 13.40
N THR A 163 -19.83 -8.35 12.87
CA THR A 163 -21.25 -8.57 13.19
C THR A 163 -21.98 -9.43 12.15
N GLY A 164 -21.24 -9.89 11.14
CA GLY A 164 -21.79 -10.78 10.12
C GLY A 164 -22.43 -10.11 8.92
N GLY A 165 -22.41 -8.78 8.90
CA GLY A 165 -22.97 -7.98 7.80
C GLY A 165 -22.20 -8.08 6.49
N THR A 166 -20.92 -8.40 6.58
CA THR A 166 -20.03 -8.44 5.43
C THR A 166 -19.62 -9.88 5.10
N GLN A 167 -19.97 -10.34 3.90
CA GLN A 167 -19.52 -11.65 3.42
C GLN A 167 -18.02 -11.60 3.11
N LEU A 168 -17.37 -12.77 3.17
CA LEU A 168 -15.93 -12.89 2.92
C LEU A 168 -15.46 -12.32 1.56
N PRO A 169 -16.18 -12.62 0.45
CA PRO A 169 -15.79 -12.00 -0.83
C PRO A 169 -15.78 -10.46 -0.81
N THR A 170 -16.79 -9.87 -0.15
CA THR A 170 -16.89 -8.41 -0.01
C THR A 170 -15.74 -7.86 0.85
N LEU A 171 -15.41 -8.56 1.94
CA LEU A 171 -14.27 -8.20 2.80
C LEU A 171 -12.94 -8.20 2.02
N ALA A 172 -12.71 -9.26 1.24
CA ALA A 172 -11.49 -9.40 0.43
C ALA A 172 -11.39 -8.30 -0.62
N ARG A 173 -12.51 -8.02 -1.30
CA ARG A 173 -12.58 -6.95 -2.29
CA ARG A 173 -12.61 -6.94 -2.29
C ARG A 173 -12.28 -5.60 -1.64
N SER A 174 -12.82 -5.39 -0.44
CA SER A 174 -12.62 -4.16 0.33
C SER A 174 -11.15 -3.97 0.74
N PHE A 175 -10.48 -5.05 1.14
CA PHE A 175 -9.03 -5.00 1.38
C PHE A 175 -8.27 -4.59 0.11
N ILE A 176 -8.64 -5.19 -1.02
CA ILE A 176 -7.99 -4.93 -2.31
C ILE A 176 -8.10 -3.44 -2.67
N ILE A 177 -9.26 -2.85 -2.39
CA ILE A 177 -9.47 -1.40 -2.61
C ILE A 177 -8.55 -0.58 -1.70
N CYS A 178 -8.57 -0.86 -0.39
CA CYS A 178 -7.75 -0.12 0.57
C CYS A 178 -6.27 -0.19 0.28
N ILE A 179 -5.79 -1.40 -0.01
CA ILE A 179 -4.36 -1.62 -0.27
C ILE A 179 -3.89 -0.77 -1.46
N GLN A 180 -4.67 -0.76 -2.54
CA GLN A 180 -4.27 -0.01 -3.72
C GLN A 180 -4.35 1.50 -3.53
N MET A 181 -5.38 1.95 -2.83
CA MET A 181 -5.62 3.38 -2.68
C MET A 181 -4.74 4.03 -1.61
N ILE A 182 -4.15 3.20 -0.75
CA ILE A 182 -3.27 3.68 0.31
C ILE A 182 -1.83 3.24 0.05
N SER A 183 -1.56 1.93 0.15
CA SER A 183 -0.18 1.43 0.02
C SER A 183 0.41 1.61 -1.38
N GLU A 184 -0.33 1.23 -2.43
CA GLU A 184 0.19 1.39 -3.79
C GLU A 184 0.34 2.85 -4.18
N ALA A 185 -0.61 3.68 -3.75
CA ALA A 185 -0.52 5.12 -3.97
C ALA A 185 0.68 5.72 -3.25
N ALA A 186 0.99 5.23 -2.04
CA ALA A 186 2.19 5.66 -1.33
C ALA A 186 3.47 5.25 -2.07
N ARG A 187 3.47 4.03 -2.61
CA ARG A 187 4.63 3.48 -3.31
C ARG A 187 4.91 4.17 -4.64
N PHE A 188 3.84 4.55 -5.35
CA PHE A 188 3.96 5.06 -6.72
C PHE A 188 3.22 6.38 -6.89
N GLN A 189 3.96 7.45 -7.22
CA GLN A 189 3.33 8.73 -7.59
CA GLN A 189 3.37 8.72 -7.61
C GLN A 189 2.34 8.52 -8.73
N TYR A 190 2.68 7.63 -9.67
CA TYR A 190 1.81 7.32 -10.79
C TYR A 190 0.44 6.80 -10.34
N ILE A 191 0.44 5.88 -9.37
CA ILE A 191 -0.81 5.31 -8.86
C ILE A 191 -1.58 6.33 -8.05
N GLU A 192 -0.86 7.13 -7.25
CA GLU A 192 -1.45 8.28 -6.56
C GLU A 192 -2.18 9.19 -7.55
N GLY A 193 -1.52 9.50 -8.67
CA GLY A 193 -2.08 10.31 -9.75
C GLY A 193 -3.37 9.74 -10.32
N GLU A 194 -3.37 8.43 -10.55
CA GLU A 194 -4.55 7.71 -11.05
C GLU A 194 -5.73 7.78 -10.08
N MET A 195 -5.44 7.75 -8.78
CA MET A 195 -6.47 7.90 -7.75
C MET A 195 -6.96 9.35 -7.64
N ARG A 196 -6.02 10.31 -7.74
CA ARG A 196 -6.37 11.75 -7.77
C ARG A 196 -7.37 12.03 -8.89
N THR A 197 -7.12 11.48 -10.08
CA THR A 197 -8.02 11.62 -11.23
C THR A 197 -9.42 11.11 -10.94
N ARG A 198 -9.52 9.90 -10.38
CA ARG A 198 -10.81 9.31 -10.01
C ARG A 198 -11.57 10.19 -9.02
N ILE A 199 -10.85 10.77 -8.07
CA ILE A 199 -11.45 11.65 -7.05
C ILE A 199 -11.91 12.97 -7.69
N ARG A 200 -11.05 13.57 -8.51
CA ARG A 200 -11.36 14.84 -9.20
C ARG A 200 -12.70 14.80 -9.97
N TYR A 201 -12.98 13.67 -10.61
CA TYR A 201 -14.18 13.54 -11.43
C TYR A 201 -15.28 12.67 -10.82
N ASN A 202 -15.04 12.20 -9.60
CA ASN A 202 -15.92 11.27 -8.88
C ASN A 202 -16.38 10.10 -9.76
N ARG A 203 -15.41 9.49 -10.44
CA ARG A 203 -15.66 8.40 -11.37
C ARG A 203 -14.85 7.19 -10.94
N ARG A 204 -15.57 6.13 -10.56
CA ARG A 204 -14.95 4.87 -10.19
C ARG A 204 -14.63 4.03 -11.42
N SER A 205 -13.47 3.39 -11.38
CA SER A 205 -13.01 2.51 -12.46
C SER A 205 -11.96 1.55 -11.95
N ALA A 206 -11.95 0.36 -12.54
CA ALA A 206 -10.95 -0.65 -12.28
C ALA A 206 -9.57 -0.17 -12.78
N PRO A 207 -8.47 -0.61 -12.12
CA PRO A 207 -7.15 -0.18 -12.55
C PRO A 207 -6.77 -0.77 -13.92
N ASP A 208 -6.22 0.08 -14.78
CA ASP A 208 -5.77 -0.33 -16.11
C ASP A 208 -4.44 -1.12 -16.03
N PRO A 209 -3.97 -1.70 -17.16
CA PRO A 209 -2.73 -2.48 -17.10
C PRO A 209 -1.48 -1.74 -16.61
N SER A 210 -1.41 -0.41 -16.82
CA SER A 210 -0.26 0.36 -16.33
C SER A 210 -0.18 0.30 -14.81
N VAL A 211 -1.34 0.41 -14.16
CA VAL A 211 -1.42 0.31 -12.69
C VAL A 211 -1.07 -1.10 -12.21
N ILE A 212 -1.72 -2.10 -12.81
CA ILE A 212 -1.50 -3.51 -12.43
C ILE A 212 -0.04 -3.93 -12.57
N THR A 213 0.58 -3.61 -13.69
CA THR A 213 1.97 -4.03 -13.93
C THR A 213 2.96 -3.31 -13.02
N LEU A 214 2.68 -2.04 -12.69
CA LEU A 214 3.49 -1.34 -11.69
C LEU A 214 3.40 -2.02 -10.32
N GLU A 215 2.18 -2.34 -9.89
CA GLU A 215 1.97 -3.04 -8.61
C GLU A 215 2.75 -4.35 -8.59
N ASN A 216 2.61 -5.12 -9.66
CA ASN A 216 3.29 -6.41 -9.77
C ASN A 216 4.80 -6.33 -9.81
N SER A 217 5.32 -5.18 -10.24
CA SER A 217 6.75 -5.00 -10.46
C SER A 217 7.48 -4.24 -9.36
N TRP A 218 6.78 -3.85 -8.28
CA TRP A 218 7.39 -2.99 -7.26
C TRP A 218 8.68 -3.58 -6.66
N GLY A 219 8.61 -4.85 -6.27
CA GLY A 219 9.78 -5.56 -5.74
C GLY A 219 10.94 -5.63 -6.70
N ARG A 220 10.64 -6.01 -7.95
CA ARG A 220 11.64 -6.13 -9.00
C ARG A 220 12.26 -4.77 -9.37
N LEU A 221 11.43 -3.74 -9.47
CA LEU A 221 11.92 -2.39 -9.74
C LEU A 221 12.82 -1.89 -8.62
N SER A 222 12.41 -2.15 -7.38
CA SER A 222 13.22 -1.78 -6.21
C SER A 222 14.60 -2.44 -6.27
N THR A 223 14.62 -3.74 -6.56
CA THR A 223 15.89 -4.47 -6.67
C THR A 223 16.72 -3.96 -7.86
N ALA A 224 16.10 -3.80 -9.03
CA ALA A 224 16.81 -3.34 -10.22
C ALA A 224 17.47 -1.97 -10.03
N ILE A 225 16.76 -1.05 -9.38
CA ILE A 225 17.30 0.28 -9.12
C ILE A 225 18.48 0.20 -8.16
N GLN A 226 18.30 -0.54 -7.07
CA GLN A 226 19.31 -0.64 -6.01
C GLN A 226 20.55 -1.43 -6.45
N GLU A 227 20.37 -2.39 -7.34
CA GLU A 227 21.49 -3.19 -7.87
C GLU A 227 22.07 -2.63 -9.17
N SER A 228 21.50 -1.52 -9.66
CA SER A 228 21.93 -0.92 -10.92
C SER A 228 23.37 -0.44 -10.93
N ASN A 229 23.96 -0.39 -12.11
CA ASN A 229 25.27 0.21 -12.29
C ASN A 229 25.10 1.67 -12.66
N GLN A 230 25.23 2.54 -11.65
CA GLN A 230 25.07 4.00 -11.78
C GLN A 230 23.69 4.38 -12.35
N GLY A 231 22.68 3.55 -12.08
CA GLY A 231 21.32 3.80 -12.56
C GLY A 231 20.89 2.90 -13.72
N ALA A 232 21.86 2.27 -14.37
CA ALA A 232 21.61 1.41 -15.53
C ALA A 232 21.28 -0.02 -15.11
N PHE A 233 20.14 -0.52 -15.58
CA PHE A 233 19.69 -1.89 -15.25
C PHE A 233 20.53 -2.92 -16.02
N ALA A 234 20.90 -4.01 -15.35
CA ALA A 234 21.54 -5.13 -16.05
C ALA A 234 20.57 -5.83 -16.99
N SER A 235 19.32 -5.97 -16.54
CA SER A 235 18.25 -6.59 -17.29
C SER A 235 17.09 -5.60 -17.38
N PRO A 236 16.53 -5.39 -18.58
CA PRO A 236 15.36 -4.51 -18.69
C PRO A 236 14.13 -5.09 -18.00
N ILE A 237 13.25 -4.22 -17.53
CA ILE A 237 11.97 -4.63 -16.94
C ILE A 237 10.85 -4.19 -17.86
N GLN A 238 9.95 -5.12 -18.17
CA GLN A 238 8.81 -4.82 -19.04
C GLN A 238 7.62 -4.36 -18.22
N LEU A 239 7.14 -3.17 -18.54
CA LEU A 239 5.90 -2.64 -17.96
C LEU A 239 4.86 -2.52 -19.09
N GLN A 240 3.65 -2.11 -18.72
CA GLN A 240 2.60 -1.88 -19.71
C GLN A 240 2.08 -0.44 -19.68
N ARG A 241 1.67 0.06 -20.85
CA ARG A 241 0.97 1.34 -20.96
C ARG A 241 -0.49 1.14 -20.61
N ARG A 242 -1.25 2.24 -20.53
CA ARG A 242 -2.70 2.22 -20.27
C ARG A 242 -3.46 1.32 -21.24
N ASN A 243 -3.03 1.30 -22.51
CA ASN A 243 -3.66 0.47 -23.54
C ASN A 243 -3.17 -0.99 -23.59
N GLY A 244 -2.29 -1.37 -22.66
CA GLY A 244 -1.78 -2.73 -22.55
C GLY A 244 -0.50 -3.02 -23.33
N SER A 245 -0.07 -2.08 -24.16
CA SER A 245 1.16 -2.23 -24.93
C SER A 245 2.40 -2.21 -24.02
N LYS A 246 3.39 -3.01 -24.39
CA LYS A 246 4.61 -3.16 -23.61
C LYS A 246 5.65 -2.09 -23.91
N PHE A 247 6.30 -1.62 -22.86
CA PHE A 247 7.49 -0.79 -23.00
C PHE A 247 8.55 -1.24 -21.99
N SER A 248 9.81 -1.04 -22.34
CA SER A 248 10.92 -1.52 -21.53
C SER A 248 11.54 -0.39 -20.71
N VAL A 249 11.88 -0.73 -19.46
CA VAL A 249 12.59 0.15 -18.56
C VAL A 249 14.04 -0.32 -18.48
N TYR A 250 14.97 0.56 -18.83
CA TYR A 250 16.40 0.25 -18.86
C TYR A 250 17.19 0.99 -17.79
N ASP A 251 16.55 1.97 -17.15
CA ASP A 251 17.26 2.92 -16.31
C ASP A 251 16.34 3.48 -15.25
N VAL A 252 16.93 3.84 -14.11
CA VAL A 252 16.21 4.50 -13.02
C VAL A 252 15.59 5.85 -13.44
N SER A 253 16.24 6.55 -14.37
CA SER A 253 15.87 7.92 -14.73
C SER A 253 14.37 8.06 -15.03
N ILE A 254 13.86 7.15 -15.84
CA ILE A 254 12.47 7.18 -16.30
C ILE A 254 11.47 6.89 -15.16
N LEU A 255 11.97 6.28 -14.08
CA LEU A 255 11.13 5.89 -12.94
C LEU A 255 11.02 6.94 -11.84
N ILE A 256 11.89 7.95 -11.88
CA ILE A 256 11.89 9.01 -10.86
C ILE A 256 10.49 9.69 -10.68
N PRO A 257 9.77 10.02 -11.78
CA PRO A 257 8.42 10.56 -11.62
C PRO A 257 7.34 9.51 -11.28
N ILE A 258 7.70 8.23 -11.31
CA ILE A 258 6.73 7.14 -11.25
C ILE A 258 6.71 6.46 -9.88
N ILE A 259 7.90 6.15 -9.37
CA ILE A 259 8.03 5.45 -8.09
CA ILE A 259 8.09 5.44 -8.09
C ILE A 259 8.43 6.42 -6.98
N ALA A 260 7.65 6.40 -5.90
CA ALA A 260 7.86 7.32 -4.77
C ALA A 260 8.70 6.73 -3.65
N LEU A 261 8.62 5.42 -3.47
CA LEU A 261 9.48 4.75 -2.49
C LEU A 261 9.75 3.31 -2.87
N MET A 262 10.85 2.78 -2.34
CA MET A 262 11.29 1.42 -2.62
C MET A 262 11.41 0.62 -1.34
N VAL A 263 11.19 -0.69 -1.45
CA VAL A 263 11.53 -1.62 -0.37
C VAL A 263 13.06 -1.78 -0.36
N TYR A 264 13.64 -1.86 0.84
CA TYR A 264 15.08 -2.10 0.98
C TYR A 264 15.45 -3.48 0.42
N ARG A 265 16.41 -3.50 -0.51
CA ARG A 265 16.82 -4.74 -1.17
C ARG A 265 18.29 -5.08 -0.98
N CYS A 266 19.13 -4.06 -1.01
CA CYS A 266 20.57 -4.21 -0.76
C CYS A 266 21.14 -2.91 -0.21
N ALA A 267 22.38 -2.99 0.29
CA ALA A 267 23.11 -1.80 0.73
C ALA A 267 23.48 -0.93 -0.47
N PRO A 268 23.48 0.42 -0.31
CA PRO A 268 23.95 1.26 -1.42
C PRO A 268 25.46 1.12 -1.61
N PRO A 269 25.93 1.05 -2.88
CA PRO A 269 27.37 0.93 -3.15
C PRO A 269 28.12 2.22 -2.81
N PRO A 270 29.43 2.13 -2.48
CA PRO A 270 30.23 3.34 -2.28
C PRO A 270 30.42 4.11 -3.58
N SER A 271 30.56 5.43 -3.47
CA SER A 271 30.74 6.32 -4.62
C SER A 271 32.13 6.17 -5.25
N SER A 272 32.18 6.27 -6.58
CA SER A 272 33.45 6.25 -7.31
C SER A 272 34.05 7.66 -7.33
N GLN A 273 35.32 7.75 -6.94
CA GLN A 273 36.03 9.03 -6.87
C GLN A 273 37.32 9.03 -7.69
N PHE A 274 37.61 10.18 -8.31
CA PHE A 274 38.81 10.36 -9.13
C PHE A 274 40.10 10.37 -8.31
CD1 IEZ B . 4.85 -9.65 -7.65
CE1 IEZ B . 5.30 -10.58 -8.59
CZ IEZ B . 4.39 -11.16 -9.49
FAX IEZ B . 4.84 -12.10 -10.43
CE2 IEZ B . 3.03 -10.81 -9.44
CD2 IEZ B . 2.58 -9.88 -8.50
CG IEZ B . 3.49 -9.30 -7.60
CB IEZ B . 3.03 -8.25 -6.56
CA IEZ B . 2.23 -8.90 -5.43
C IEZ B . 3.09 -9.99 -4.74
OXT IEZ B . 3.92 -9.63 -3.87
O IEZ B . 2.92 -11.17 -5.12
N IEZ B . 1.83 -7.89 -4.41
CAL IEZ B . 0.79 -8.10 -3.58
OAQ IEZ B . 0.20 -9.18 -3.57
C7 IEZ B . 0.59 -7.18 -2.54
N8 IEZ B . -0.18 -7.55 -1.49
C8A IEZ B . -0.37 -6.74 -0.44
N1 IEZ B . -1.16 -7.16 0.58
C2 IEZ B . -1.38 -6.40 1.67
N2 IEZ B . -2.15 -6.86 2.65
N3 IEZ B . -0.82 -5.13 1.78
C4 IEZ B . 0.00 -4.67 0.74
O4 IEZ B . 0.47 -3.54 0.84
C4A IEZ B . 0.22 -5.47 -0.38
N5 IEZ B . 0.99 -5.07 -1.41
C6 IEZ B . 1.20 -5.92 -2.52
CD1 IEZ C . 7.33 -6.87 -2.30
CE1 IEZ C . 6.25 -6.41 -3.04
CZ IEZ C . 5.15 -5.83 -2.39
FAX IEZ C . 4.16 -5.40 -3.11
CE2 IEZ C . 5.12 -5.72 -1.00
CD2 IEZ C . 6.22 -6.18 -0.24
CG IEZ C . 7.32 -6.76 -0.90
CB IEZ C . 8.51 -7.29 -0.10
CA IEZ C . 8.28 -8.79 0.19
C IEZ C . 9.59 -9.54 0.54
OXT IEZ C . 10.56 -9.42 -0.25
O IEZ C . 9.57 -10.28 1.55
N IEZ C . 7.28 -8.96 1.28
CAL IEZ C . 6.04 -9.46 1.08
OAQ IEZ C . 5.65 -9.88 -0.01
C7 IEZ C . 5.27 -9.60 2.25
N8 IEZ C . 5.46 -8.79 3.31
C8A IEZ C . 4.75 -8.95 4.46
N1 IEZ C . 4.97 -8.11 5.50
C2 IEZ C . 4.28 -8.22 6.65
N2 IEZ C . 4.51 -7.40 7.66
N3 IEZ C . 3.31 -9.23 6.81
C4 IEZ C . 3.06 -10.12 5.75
O4 IEZ C . 2.23 -10.99 5.89
C4A IEZ C . 3.79 -9.97 4.56
N5 IEZ C . 3.58 -10.79 3.51
C6 IEZ C . 4.32 -10.64 2.33
S SO4 D . -9.90 21.62 -1.28
O1 SO4 D . -8.82 22.60 -1.07
O2 SO4 D . -10.10 21.41 -2.73
O3 SO4 D . -9.52 20.36 -0.64
O4 SO4 D . -11.18 22.11 -0.72
S SO4 E . -1.89 -17.95 2.00
O1 SO4 E . -0.75 -17.89 2.95
O2 SO4 E . -1.84 -16.79 1.09
O3 SO4 E . -1.80 -19.20 1.20
O4 SO4 E . -3.15 -17.95 2.76
#